data_9MH7
#
_entry.id   9MH7
#
_cell.length_a   35.232
_cell.length_b   99.900
_cell.length_c   38.960
_cell.angle_alpha   90.00
_cell.angle_beta   106.87
_cell.angle_gamma   90.00
#
_symmetry.space_group_name_H-M   'P 1 21 1'
#
loop_
_entity.id
_entity.type
_entity.pdbx_description
1 polymer 'Aminoglycoside N-acetyltransferase AAC(3)-XI'
2 non-polymer 'ACETYL COENZYME *A'
3 non-polymer GLYCEROL
4 non-polymer 'PHOSPHATE ION'
5 water water
#
_entity_poly.entity_id   1
_entity_poly.type   'polypeptide(L)'
_entity_poly.pdbx_seq_one_letter_code
;MTTTNEIRVAEVADAGVVAKLLRDFNTEFDTPVPEGLEERFAQIIAHDDAFVLLAGDIGFAYVTLRPSPYYDGPVAMLDE
LYVAPAHRNRGVGTALLQRVFEEIRKHSAGELQINVDEVDTDARRFYERHGLTNIEQGSRMLLYIREL
;
_entity_poly.pdbx_strand_id   A,B
#
loop_
_chem_comp.id
_chem_comp.type
_chem_comp.name
_chem_comp.formula
ACO non-polymer 'ACETYL COENZYME *A' 'C23 H38 N7 O17 P3 S'
GOL non-polymer GLYCEROL 'C3 H8 O3'
PO4 non-polymer 'PHOSPHATE ION' 'O4 P -3'
#
# COMPACT_ATOMS: atom_id res chain seq x y z
N GLU A 6 12.64 18.48 -18.25
CA GLU A 6 11.87 18.72 -17.04
C GLU A 6 10.99 17.51 -16.69
N ILE A 7 10.35 17.57 -15.54
CA ILE A 7 9.50 16.48 -15.04
C ILE A 7 8.06 16.94 -15.08
N ARG A 8 7.20 16.11 -15.66
CA ARG A 8 5.81 16.46 -15.89
C ARG A 8 4.90 15.32 -15.44
N VAL A 9 3.64 15.67 -15.16
CA VAL A 9 2.63 14.66 -14.89
C VAL A 9 2.24 14.00 -16.20
N ALA A 10 2.22 12.66 -16.21
CA ALA A 10 1.92 11.93 -17.43
C ALA A 10 0.44 12.07 -17.80
N GLU A 11 0.17 12.14 -19.09
CA GLU A 11 -1.18 12.09 -19.61
C GLU A 11 -1.46 10.72 -20.20
N VAL A 12 -2.73 10.48 -20.53
CA VAL A 12 -3.12 9.21 -21.14
C VAL A 12 -2.31 8.99 -22.42
N ALA A 13 -2.03 10.05 -23.17
CA ALA A 13 -1.23 9.95 -24.38
C ALA A 13 0.20 9.51 -24.11
N ASP A 14 0.65 9.53 -22.86
CA ASP A 14 1.99 9.10 -22.49
C ASP A 14 2.06 7.63 -22.08
N ALA A 15 0.94 6.90 -22.13
CA ALA A 15 0.93 5.53 -21.62
C ALA A 15 1.96 4.66 -22.32
N GLY A 16 2.22 4.91 -23.60
CA GLY A 16 3.19 4.11 -24.32
C GLY A 16 4.60 4.24 -23.77
N VAL A 17 5.03 5.46 -23.47
CA VAL A 17 6.38 5.64 -22.96
C VAL A 17 6.48 5.13 -21.52
N VAL A 18 5.41 5.28 -20.72
CA VAL A 18 5.43 4.76 -19.37
C VAL A 18 5.52 3.24 -19.39
N ALA A 19 4.72 2.58 -20.24
CA ALA A 19 4.75 1.13 -20.33
C ALA A 19 6.10 0.64 -20.82
N LYS A 20 6.73 1.37 -21.74
N LYS A 20 6.73 1.38 -21.74
CA LYS A 20 8.06 1.00 -22.22
CA LYS A 20 8.05 1.00 -22.22
C LYS A 20 9.09 1.07 -21.10
C LYS A 20 9.08 1.06 -21.10
N LEU A 21 9.00 2.09 -20.25
CA LEU A 21 9.96 2.22 -19.15
C LEU A 21 9.76 1.13 -18.10
N LEU A 22 8.51 0.81 -17.77
CA LEU A 22 8.26 -0.28 -16.83
C LEU A 22 8.75 -1.61 -17.39
N ARG A 23 8.57 -1.82 -18.69
CA ARG A 23 9.13 -2.99 -19.35
C ARG A 23 10.64 -3.06 -19.19
N ASP A 24 11.32 -1.95 -19.47
CA ASP A 24 12.77 -1.92 -19.31
C ASP A 24 13.18 -2.17 -17.87
N PHE A 25 12.40 -1.63 -16.93
CA PHE A 25 12.65 -1.87 -15.50
C PHE A 25 12.61 -3.35 -15.18
N ASN A 26 11.53 -4.04 -15.57
CA ASN A 26 11.42 -5.47 -15.30
C ASN A 26 12.46 -6.26 -16.08
N THR A 27 12.74 -5.84 -17.32
CA THR A 27 13.72 -6.56 -18.13
C THR A 27 15.11 -6.48 -17.50
N GLU A 28 15.47 -5.30 -17.00
CA GLU A 28 16.78 -5.11 -16.37
C GLU A 28 16.95 -5.99 -15.15
N PHE A 29 15.88 -6.21 -14.38
CA PHE A 29 15.96 -6.97 -13.14
C PHE A 29 15.34 -8.36 -13.28
N ASP A 30 15.22 -8.86 -14.51
CA ASP A 30 14.78 -10.24 -14.79
C ASP A 30 13.42 -10.53 -14.17
N THR A 31 12.55 -9.54 -14.11
CA THR A 31 11.18 -9.61 -13.61
C THR A 31 10.20 -9.82 -14.76
N PRO A 32 9.26 -10.74 -14.61
CA PRO A 32 8.28 -10.98 -15.69
C PRO A 32 7.47 -9.74 -15.99
N VAL A 33 7.10 -9.61 -17.26
CA VAL A 33 6.35 -8.46 -17.76
C VAL A 33 4.97 -8.95 -18.19
N PRO A 34 3.88 -8.40 -17.67
CA PRO A 34 2.56 -8.82 -18.11
C PRO A 34 2.20 -8.16 -19.44
N GLU A 35 1.32 -8.83 -20.17
CA GLU A 35 0.82 -8.26 -21.42
C GLU A 35 -0.12 -7.10 -21.14
N GLY A 36 -0.16 -6.16 -22.08
CA GLY A 36 -1.11 -5.06 -21.98
C GLY A 36 -0.72 -3.94 -21.05
N LEU A 37 0.58 -3.69 -20.88
CA LEU A 37 1.00 -2.62 -19.97
C LEU A 37 0.51 -1.26 -20.45
N GLU A 38 0.54 -1.02 -21.76
CA GLU A 38 0.16 0.29 -22.28
C GLU A 38 -1.31 0.57 -22.06
N GLU A 39 -2.18 -0.39 -22.37
CA GLU A 39 -3.62 -0.18 -22.23
C GLU A 39 -4.01 -0.01 -20.76
N ARG A 40 -3.35 -0.75 -19.86
CA ARG A 40 -3.65 -0.58 -18.44
C ARG A 40 -3.17 0.75 -17.91
N PHE A 41 -1.97 1.18 -18.32
CA PHE A 41 -1.49 2.50 -17.92
C PHE A 41 -2.41 3.60 -18.46
N ALA A 42 -2.94 3.42 -19.67
CA ALA A 42 -3.86 4.40 -20.23
C ALA A 42 -5.10 4.54 -19.37
N GLN A 43 -5.66 3.42 -18.90
CA GLN A 43 -6.83 3.49 -18.02
C GLN A 43 -6.45 4.02 -16.65
N ILE A 44 -5.30 3.61 -16.13
CA ILE A 44 -4.89 4.03 -14.79
C ILE A 44 -4.61 5.52 -14.76
N ILE A 45 -3.94 6.04 -15.79
CA ILE A 45 -3.59 7.46 -15.81
C ILE A 45 -4.84 8.31 -15.97
N ALA A 46 -5.89 7.77 -16.60
CA ALA A 46 -7.13 8.52 -16.78
C ALA A 46 -7.85 8.80 -15.47
N HIS A 47 -7.61 7.99 -14.43
CA HIS A 47 -8.37 8.09 -13.20
C HIS A 47 -7.57 8.83 -12.13
N ASP A 48 -8.25 9.14 -11.02
CA ASP A 48 -7.81 10.16 -10.07
C ASP A 48 -7.08 9.61 -8.86
N ASP A 49 -6.99 8.29 -8.69
CA ASP A 49 -6.33 7.72 -7.53
C ASP A 49 -4.91 7.26 -7.83
N ALA A 50 -4.33 7.71 -8.94
CA ALA A 50 -2.96 7.36 -9.29
C ALA A 50 -2.44 8.37 -10.31
N PHE A 51 -1.12 8.50 -10.36
CA PHE A 51 -0.52 9.34 -11.39
C PHE A 51 0.91 8.85 -11.67
N VAL A 52 1.41 9.27 -12.81
CA VAL A 52 2.77 8.97 -13.25
C VAL A 52 3.49 10.28 -13.51
N LEU A 53 4.69 10.42 -12.96
CA LEU A 53 5.57 11.54 -13.28
C LEU A 53 6.61 11.05 -14.28
N LEU A 54 6.82 11.82 -15.34
CA LEU A 54 7.78 11.47 -16.38
C LEU A 54 8.92 12.48 -16.39
N ALA A 55 10.15 11.97 -16.33
CA ALA A 55 11.35 12.78 -16.59
C ALA A 55 11.75 12.51 -18.04
N GLY A 56 11.33 13.41 -18.93
CA GLY A 56 11.51 13.17 -20.35
C GLY A 56 10.97 11.81 -20.73
N ASP A 57 11.82 10.96 -21.31
CA ASP A 57 11.45 9.58 -21.59
C ASP A 57 12.50 8.61 -21.05
N ILE A 58 13.22 9.00 -19.99
CA ILE A 58 14.27 8.17 -19.44
C ILE A 58 14.07 7.88 -17.95
N GLY A 59 12.91 8.23 -17.39
CA GLY A 59 12.61 7.93 -16.02
C GLY A 59 11.17 8.24 -15.65
N PHE A 60 10.62 7.55 -14.66
CA PHE A 60 9.24 7.77 -14.26
C PHE A 60 9.05 7.38 -12.80
N ALA A 61 7.98 7.91 -12.22
CA ALA A 61 7.51 7.53 -10.89
C ALA A 61 6.03 7.21 -11.01
N TYR A 62 5.61 6.08 -10.44
CA TYR A 62 4.21 5.67 -10.44
C TYR A 62 3.73 5.69 -8.99
N VAL A 63 2.70 6.51 -8.72
CA VAL A 63 2.20 6.75 -7.39
C VAL A 63 0.72 6.41 -7.35
N THR A 64 0.30 5.65 -6.33
CA THR A 64 -1.10 5.38 -6.08
C THR A 64 -1.53 6.06 -4.78
N LEU A 65 -2.81 6.43 -4.73
CA LEU A 65 -3.41 7.07 -3.57
C LEU A 65 -4.56 6.20 -3.08
N ARG A 66 -4.61 5.96 -1.77
CA ARG A 66 -5.65 5.14 -1.18
C ARG A 66 -6.10 5.77 0.12
N PRO A 67 -7.34 5.54 0.53
CA PRO A 67 -7.86 6.21 1.73
C PRO A 67 -7.26 5.65 3.01
N SER A 68 -7.27 6.51 4.04
CA SER A 68 -6.81 6.13 5.37
C SER A 68 -7.68 6.80 6.41
N PRO A 69 -8.02 6.10 7.50
CA PRO A 69 -8.80 6.74 8.57
C PRO A 69 -7.99 7.72 9.40
N TYR A 70 -6.67 7.78 9.22
CA TYR A 70 -5.80 8.64 10.00
C TYR A 70 -5.68 10.05 9.43
N TYR A 71 -6.05 10.27 8.17
CA TYR A 71 -5.91 11.56 7.51
C TYR A 71 -7.14 11.84 6.67
N ASP A 72 -7.43 13.14 6.50
CA ASP A 72 -8.45 13.54 5.54
C ASP A 72 -8.02 13.20 4.12
N GLY A 73 -6.73 13.32 3.83
CA GLY A 73 -6.20 12.96 2.54
C GLY A 73 -5.84 11.50 2.44
N PRO A 74 -5.29 11.09 1.31
CA PRO A 74 -4.92 9.69 1.10
C PRO A 74 -3.54 9.36 1.63
N VAL A 75 -3.27 8.07 1.73
CA VAL A 75 -1.90 7.57 1.86
C VAL A 75 -1.35 7.36 0.45
N ALA A 76 -0.19 7.94 0.18
CA ALA A 76 0.44 7.78 -1.12
C ALA A 76 1.44 6.63 -1.08
N MET A 77 1.52 5.91 -2.19
N MET A 77 1.53 5.91 -2.19
CA MET A 77 2.45 4.80 -2.33
CA MET A 77 2.44 4.79 -2.32
C MET A 77 3.23 4.98 -3.61
C MET A 77 3.24 4.96 -3.61
N LEU A 78 4.56 5.05 -3.48
CA LEU A 78 5.45 5.11 -4.65
C LEU A 78 5.65 3.67 -5.11
N ASP A 79 4.76 3.22 -5.99
CA ASP A 79 4.77 1.82 -6.41
C ASP A 79 5.92 1.50 -7.33
N GLU A 80 6.33 2.44 -8.18
N GLU A 80 6.35 2.45 -8.16
CA GLU A 80 7.45 2.25 -9.08
CA GLU A 80 7.45 2.24 -9.09
C GLU A 80 8.26 3.54 -9.17
C GLU A 80 8.25 3.54 -9.21
N LEU A 81 9.58 3.42 -9.11
CA LEU A 81 10.48 4.53 -9.35
C LEU A 81 11.65 4.00 -10.16
N TYR A 82 11.89 4.59 -11.32
CA TYR A 82 12.85 4.03 -12.26
C TYR A 82 13.50 5.16 -13.05
N VAL A 83 14.81 5.04 -13.24
CA VAL A 83 15.58 5.92 -14.13
C VAL A 83 16.40 5.02 -15.04
N ALA A 84 16.39 5.33 -16.33
CA ALA A 84 17.13 4.53 -17.29
C ALA A 84 18.61 4.44 -16.88
N PRO A 85 19.26 3.29 -17.09
CA PRO A 85 20.63 3.11 -16.57
C PRO A 85 21.62 4.18 -17.00
N ALA A 86 21.54 4.65 -18.24
CA ALA A 86 22.50 5.65 -18.70
C ALA A 86 22.30 7.01 -18.04
N HIS A 87 21.12 7.27 -17.48
CA HIS A 87 20.81 8.56 -16.87
C HIS A 87 20.79 8.52 -15.35
N ARG A 88 21.32 7.46 -14.75
CA ARG A 88 21.37 7.36 -13.30
C ARG A 88 22.53 8.19 -12.75
N ASN A 89 22.48 8.44 -11.44
CA ASN A 89 23.51 9.17 -10.71
C ASN A 89 23.65 10.61 -11.18
N ARG A 90 22.67 11.13 -11.90
CA ARG A 90 22.70 12.49 -12.41
C ARG A 90 21.64 13.38 -11.77
N GLY A 91 21.00 12.92 -10.69
CA GLY A 91 20.00 13.70 -10.00
C GLY A 91 18.59 13.54 -10.51
N VAL A 92 18.35 12.65 -11.47
CA VAL A 92 17.01 12.48 -12.02
C VAL A 92 16.08 11.86 -10.99
N GLY A 93 16.56 10.83 -10.29
CA GLY A 93 15.74 10.20 -9.26
C GLY A 93 15.39 11.16 -8.13
N THR A 94 16.37 11.98 -7.72
CA THR A 94 16.11 13.01 -6.72
C THR A 94 15.02 13.95 -7.18
N ALA A 95 15.10 14.42 -8.42
CA ALA A 95 14.10 15.35 -8.94
C ALA A 95 12.73 14.70 -9.03
N LEU A 96 12.68 13.41 -9.39
CA LEU A 96 11.41 12.70 -9.45
C LEU A 96 10.81 12.53 -8.06
N LEU A 97 11.63 12.18 -7.08
CA LEU A 97 11.12 11.99 -5.73
C LEU A 97 10.65 13.30 -5.11
N GLN A 98 11.38 14.40 -5.39
CA GLN A 98 10.93 15.71 -4.91
C GLN A 98 9.60 16.09 -5.54
N ARG A 99 9.43 15.79 -6.83
CA ARG A 99 8.16 16.04 -7.49
C ARG A 99 7.05 15.14 -6.95
N VAL A 100 7.39 13.91 -6.56
CA VAL A 100 6.41 13.03 -5.91
C VAL A 100 5.88 13.70 -4.65
N PHE A 101 6.79 14.20 -3.80
CA PHE A 101 6.37 14.87 -2.57
C PHE A 101 5.52 16.10 -2.90
N GLU A 102 5.90 16.85 -3.94
CA GLU A 102 5.14 18.03 -4.31
C GLU A 102 3.74 17.66 -4.78
N GLU A 103 3.62 16.64 -5.63
CA GLU A 103 2.31 16.28 -6.17
C GLU A 103 1.39 15.72 -5.10
N ILE A 104 1.91 14.82 -4.25
CA ILE A 104 1.04 14.24 -3.23
C ILE A 104 0.63 15.30 -2.21
N ARG A 105 1.47 16.32 -2.00
CA ARG A 105 1.09 17.42 -1.13
C ARG A 105 -0.11 18.18 -1.69
N LYS A 106 -0.26 18.22 -3.01
CA LYS A 106 -1.46 18.80 -3.60
C LYS A 106 -2.71 18.00 -3.24
N HIS A 107 -2.56 16.70 -3.00
CA HIS A 107 -3.65 15.85 -2.54
C HIS A 107 -3.77 15.81 -1.03
N SER A 108 -2.94 16.57 -0.31
CA SER A 108 -2.92 16.56 1.15
C SER A 108 -2.66 15.17 1.69
N ALA A 109 -1.81 14.42 0.99
CA ALA A 109 -1.48 13.07 1.40
C ALA A 109 -0.83 13.08 2.77
N GLY A 110 -1.29 12.20 3.65
CA GLY A 110 -0.78 12.16 5.01
C GLY A 110 0.51 11.40 5.20
N GLU A 111 0.91 10.61 4.19
CA GLU A 111 2.07 9.75 4.31
C GLU A 111 2.44 9.22 2.94
N LEU A 112 3.75 9.05 2.72
CA LEU A 112 4.27 8.36 1.54
C LEU A 112 4.89 7.04 1.97
N GLN A 113 4.57 5.97 1.26
CA GLN A 113 5.07 4.62 1.53
C GLN A 113 5.78 4.09 0.29
N ILE A 114 6.89 3.39 0.51
CA ILE A 114 7.66 2.77 -0.57
C ILE A 114 8.06 1.36 -0.14
N ASN A 115 7.90 0.40 -1.03
CA ASN A 115 8.40 -0.96 -0.82
C ASN A 115 9.76 -1.09 -1.49
N VAL A 116 10.76 -1.54 -0.74
CA VAL A 116 12.14 -1.60 -1.23
C VAL A 116 12.73 -2.95 -0.86
N ASP A 117 13.40 -3.59 -1.82
CA ASP A 117 14.09 -4.85 -1.51
C ASP A 117 15.29 -4.59 -0.62
N GLU A 118 15.47 -5.48 0.37
CA GLU A 118 16.56 -5.33 1.33
C GLU A 118 17.92 -5.29 0.63
N VAL A 119 18.08 -6.06 -0.46
CA VAL A 119 19.36 -6.13 -1.16
C VAL A 119 19.70 -4.84 -1.88
N ASP A 120 18.72 -3.97 -2.14
CA ASP A 120 18.96 -2.76 -2.92
C ASP A 120 19.50 -1.66 -2.00
N THR A 121 20.76 -1.85 -1.60
CA THR A 121 21.40 -0.91 -0.68
C THR A 121 21.51 0.49 -1.27
N ASP A 122 21.68 0.61 -2.58
CA ASP A 122 21.79 1.92 -3.21
C ASP A 122 20.46 2.67 -3.15
N ALA A 123 19.36 1.99 -3.47
CA ALA A 123 18.05 2.62 -3.36
C ALA A 123 17.71 2.93 -1.91
N ARG A 124 18.05 2.03 -1.00
CA ARG A 124 17.79 2.27 0.42
C ARG A 124 18.52 3.52 0.90
N ARG A 125 19.79 3.67 0.53
CA ARG A 125 20.52 4.87 0.91
C ARG A 125 19.93 6.12 0.26
N PHE A 126 19.51 5.99 -1.00
CA PHE A 126 18.84 7.12 -1.67
C PHE A 126 17.59 7.54 -0.92
N TYR A 127 16.73 6.58 -0.57
CA TYR A 127 15.51 6.92 0.15
C TYR A 127 15.82 7.46 1.54
N GLU A 128 16.82 6.89 2.21
CA GLU A 128 17.15 7.35 3.56
C GLU A 128 17.72 8.76 3.53
N ARG A 129 18.50 9.10 2.50
CA ARG A 129 19.02 10.46 2.39
C ARG A 129 17.92 11.47 2.06
N HIS A 130 16.75 11.02 1.61
CA HIS A 130 15.67 11.91 1.21
C HIS A 130 14.45 11.79 2.13
N GLY A 131 14.66 11.45 3.40
CA GLY A 131 13.64 11.59 4.42
C GLY A 131 12.75 10.39 4.66
N LEU A 132 13.07 9.22 4.10
CA LEU A 132 12.28 8.03 4.33
C LEU A 132 12.94 7.15 5.36
N THR A 133 12.13 6.52 6.21
CA THR A 133 12.63 5.69 7.30
C THR A 133 12.00 4.31 7.23
N ASN A 134 12.80 3.31 7.58
CA ASN A 134 12.35 1.93 7.69
C ASN A 134 12.05 1.55 9.13
N ILE A 135 12.26 2.48 10.08
CA ILE A 135 12.17 2.19 11.50
C ILE A 135 10.90 2.82 12.07
N GLU A 136 10.19 2.04 12.89
CA GLU A 136 8.98 2.49 13.57
C GLU A 136 8.96 1.86 14.95
N GLN A 137 8.98 2.70 16.00
CA GLN A 137 9.01 2.25 17.39
C GLN A 137 10.18 1.30 17.65
N GLY A 138 11.33 1.60 17.07
CA GLY A 138 12.52 0.78 17.27
C GLY A 138 12.53 -0.52 16.50
N SER A 139 11.68 -0.68 15.50
CA SER A 139 11.59 -1.92 14.72
C SER A 139 11.64 -1.60 13.24
N ARG A 140 12.31 -2.48 12.49
CA ARG A 140 12.24 -2.40 11.03
C ARG A 140 10.83 -2.76 10.57
N MET A 141 10.45 -2.25 9.41
CA MET A 141 9.13 -2.47 8.86
C MET A 141 9.24 -3.35 7.62
N LEU A 142 8.40 -4.40 7.58
CA LEU A 142 8.47 -5.40 6.53
C LEU A 142 7.20 -5.39 5.69
N LEU A 143 7.34 -5.78 4.43
CA LEU A 143 6.22 -5.98 3.53
C LEU A 143 6.02 -7.48 3.30
N TYR A 144 4.79 -7.94 3.49
CA TYR A 144 4.41 -9.32 3.20
C TYR A 144 3.39 -9.32 2.07
N ILE A 145 3.54 -10.24 1.11
CA ILE A 145 2.64 -10.31 -0.04
C ILE A 145 2.20 -11.75 -0.28
N ARG A 146 1.08 -11.89 -1.00
CA ARG A 146 0.70 -13.14 -1.63
C ARG A 146 0.18 -12.81 -3.03
N GLU A 147 0.89 -13.26 -4.04
CA GLU A 147 0.41 -13.12 -5.41
C GLU A 147 -0.78 -14.05 -5.61
N LEU A 148 -1.77 -13.56 -6.35
CA LEU A 148 -3.02 -14.30 -6.52
C LEU A 148 -3.36 -14.39 -8.00
N GLU B 6 -19.67 -13.72 13.84
CA GLU B 6 -19.44 -14.05 12.44
C GLU B 6 -18.84 -12.86 11.69
N ILE B 7 -18.23 -13.15 10.53
CA ILE B 7 -17.60 -12.12 9.72
C ILE B 7 -18.63 -11.52 8.77
N ARG B 8 -18.69 -10.20 8.73
N ARG B 8 -18.68 -10.19 8.73
CA ARG B 8 -19.59 -9.50 7.83
CA ARG B 8 -19.60 -9.48 7.87
C ARG B 8 -18.91 -8.26 7.30
C ARG B 8 -18.90 -8.26 7.30
N VAL B 9 -19.39 -7.79 6.15
CA VAL B 9 -18.87 -6.57 5.55
C VAL B 9 -19.49 -5.38 6.26
N ALA B 10 -18.65 -4.46 6.72
CA ALA B 10 -19.13 -3.31 7.46
C ALA B 10 -19.94 -2.38 6.57
N GLU B 11 -21.01 -1.85 7.11
CA GLU B 11 -21.79 -0.79 6.48
C GLU B 11 -21.42 0.54 7.11
N VAL B 12 -21.95 1.62 6.53
CA VAL B 12 -21.63 2.96 7.00
C VAL B 12 -21.98 3.12 8.47
N ALA B 13 -23.09 2.55 8.89
CA ALA B 13 -23.52 2.64 10.28
C ALA B 13 -22.61 1.86 11.23
N ASP B 14 -21.71 1.03 10.71
CA ASP B 14 -20.75 0.31 11.54
C ASP B 14 -19.48 1.11 11.80
N ALA B 15 -19.40 2.35 11.30
CA ALA B 15 -18.16 3.12 11.41
C ALA B 15 -17.78 3.39 12.86
N GLY B 16 -18.76 3.55 13.75
CA GLY B 16 -18.47 3.78 15.15
C GLY B 16 -17.77 2.60 15.80
N VAL B 17 -18.25 1.39 15.51
CA VAL B 17 -17.62 0.19 16.08
C VAL B 17 -16.23 -0.02 15.49
N VAL B 18 -16.08 0.16 14.18
CA VAL B 18 -14.77 0.02 13.55
C VAL B 18 -13.79 1.02 14.15
N ALA B 19 -14.20 2.28 14.28
CA ALA B 19 -13.34 3.29 14.84
C ALA B 19 -12.99 2.98 16.30
N LYS B 20 -13.96 2.43 17.04
N LYS B 20 -13.95 2.42 17.03
CA LYS B 20 -13.71 2.02 18.41
CA LYS B 20 -13.67 2.05 18.42
C LYS B 20 -12.62 0.97 18.49
C LYS B 20 -12.61 0.97 18.50
N LEU B 21 -12.64 0.01 17.57
CA LEU B 21 -11.65 -1.05 17.58
C LEU B 21 -10.26 -0.54 17.18
N LEU B 22 -10.21 0.34 16.17
CA LEU B 22 -8.93 0.96 15.82
C LEU B 22 -8.34 1.73 16.98
N ARG B 23 -9.19 2.36 17.78
CA ARG B 23 -8.70 3.07 18.95
C ARG B 23 -8.09 2.11 19.97
N ASP B 24 -8.68 0.93 20.15
CA ASP B 24 -8.09 -0.07 21.06
C ASP B 24 -6.79 -0.62 20.50
N PHE B 25 -6.71 -0.79 19.19
CA PHE B 25 -5.47 -1.23 18.55
C PHE B 25 -4.33 -0.27 18.86
N ASN B 26 -4.56 1.03 18.64
CA ASN B 26 -3.52 2.02 18.90
C ASN B 26 -3.23 2.14 20.39
N THR B 27 -4.28 2.09 21.23
CA THR B 27 -4.08 2.20 22.66
C THR B 27 -3.25 1.03 23.19
N GLU B 28 -3.48 -0.17 22.66
CA GLU B 28 -2.72 -1.33 23.08
C GLU B 28 -1.23 -1.18 22.77
N PHE B 29 -0.89 -0.49 21.69
CA PHE B 29 0.49 -0.37 21.24
C PHE B 29 1.09 1.00 21.53
N ASP B 30 0.48 1.76 22.44
CA ASP B 30 0.99 3.05 22.88
C ASP B 30 1.24 3.99 21.69
N THR B 31 0.23 4.08 20.81
CA THR B 31 0.30 4.94 19.64
C THR B 31 -0.82 5.97 19.70
N PRO B 32 -0.52 7.26 19.63
N PRO B 32 -0.52 7.26 19.63
CA PRO B 32 -1.59 8.27 19.63
CA PRO B 32 -1.58 8.28 19.63
C PRO B 32 -2.49 8.13 18.41
C PRO B 32 -2.48 8.13 18.40
N VAL B 33 -3.79 8.27 18.63
N VAL B 33 -3.79 8.27 18.62
CA VAL B 33 -4.79 8.11 17.58
CA VAL B 33 -4.78 8.11 17.57
C VAL B 33 -5.31 9.49 17.19
C VAL B 33 -5.31 9.49 17.19
N PRO B 34 -5.71 9.70 15.94
CA PRO B 34 -6.22 11.02 15.54
C PRO B 34 -7.72 11.15 15.75
N GLU B 35 -8.16 12.40 15.80
CA GLU B 35 -9.58 12.70 15.91
C GLU B 35 -10.30 12.37 14.60
N GLY B 36 -11.59 12.08 14.71
CA GLY B 36 -12.41 11.88 13.53
C GLY B 36 -12.30 10.52 12.88
N LEU B 37 -11.92 9.49 13.64
CA LEU B 37 -11.81 8.15 13.06
C LEU B 37 -13.15 7.66 12.54
N GLU B 38 -14.23 7.89 13.29
CA GLU B 38 -15.54 7.38 12.89
C GLU B 38 -16.04 8.06 11.62
N GLU B 39 -15.91 9.39 11.55
CA GLU B 39 -16.42 10.12 10.39
C GLU B 39 -15.63 9.73 9.13
N ARG B 40 -14.33 9.49 9.28
CA ARG B 40 -13.53 9.11 8.13
C ARG B 40 -13.84 7.69 7.68
N PHE B 41 -14.04 6.77 8.63
CA PHE B 41 -14.42 5.41 8.29
C PHE B 41 -15.78 5.37 7.60
N ALA B 42 -16.71 6.20 8.07
CA ALA B 42 -18.03 6.26 7.43
C ALA B 42 -17.91 6.69 5.97
N GLN B 43 -17.09 7.70 5.69
CA GLN B 43 -16.92 8.15 4.31
C GLN B 43 -16.16 7.13 3.48
N ILE B 44 -15.19 6.44 4.08
CA ILE B 44 -14.42 5.44 3.34
C ILE B 44 -15.30 4.25 2.98
N ILE B 45 -16.06 3.74 3.96
CA ILE B 45 -16.93 2.59 3.71
C ILE B 45 -17.96 2.91 2.64
N ALA B 46 -18.44 4.15 2.59
N ALA B 46 -18.44 4.15 2.59
CA ALA B 46 -19.52 4.50 1.67
CA ALA B 46 -19.52 4.50 1.67
C ALA B 46 -19.01 4.70 0.25
C ALA B 46 -19.01 4.69 0.24
N HIS B 47 -17.91 5.41 0.08
CA HIS B 47 -17.47 5.88 -1.23
C HIS B 47 -16.25 5.17 -1.79
N ASP B 48 -15.22 4.97 -0.99
CA ASP B 48 -13.90 4.65 -1.54
C ASP B 48 -13.81 3.20 -1.98
N ASP B 49 -12.75 2.90 -2.75
CA ASP B 49 -12.43 1.53 -3.17
C ASP B 49 -11.74 0.82 -2.00
N ALA B 50 -12.55 0.53 -0.99
CA ALA B 50 -12.05 -0.06 0.25
C ALA B 50 -13.23 -0.69 0.98
N PHE B 51 -12.92 -1.56 1.93
CA PHE B 51 -13.97 -2.16 2.74
C PHE B 51 -13.40 -2.56 4.10
N VAL B 52 -14.31 -2.77 5.05
CA VAL B 52 -13.97 -3.26 6.37
C VAL B 52 -14.78 -4.52 6.62
N LEU B 53 -14.11 -5.57 7.13
CA LEU B 53 -14.77 -6.76 7.64
C LEU B 53 -14.82 -6.69 9.15
N LEU B 54 -15.94 -7.09 9.73
CA LEU B 54 -16.13 -7.07 11.16
C LEU B 54 -16.41 -8.48 11.67
N ALA B 55 -15.71 -8.89 12.72
CA ALA B 55 -15.97 -10.14 13.42
C ALA B 55 -16.75 -9.78 14.68
N GLY B 56 -18.08 -9.74 14.56
CA GLY B 56 -18.90 -9.24 15.65
C GLY B 56 -18.48 -7.83 15.98
N ASP B 57 -18.05 -7.61 17.21
CA ASP B 57 -17.40 -6.35 17.61
C ASP B 57 -16.10 -6.62 18.34
N ILE B 58 -15.44 -7.73 18.02
CA ILE B 58 -14.20 -8.14 18.66
C ILE B 58 -13.02 -8.20 17.70
N GLY B 59 -13.23 -7.86 16.43
CA GLY B 59 -12.15 -7.87 15.47
C GLY B 59 -12.55 -7.31 14.12
N PHE B 60 -11.60 -6.70 13.41
CA PHE B 60 -11.89 -6.14 12.10
C PHE B 60 -10.69 -6.26 11.18
N ALA B 61 -10.95 -6.12 9.89
CA ALA B 61 -9.93 -6.04 8.86
C ALA B 61 -10.28 -4.89 7.93
N TYR B 62 -9.32 -4.00 7.69
CA TYR B 62 -9.51 -2.85 6.80
C TYR B 62 -8.66 -3.08 5.55
N VAL B 63 -9.32 -3.13 4.40
CA VAL B 63 -8.67 -3.45 3.13
C VAL B 63 -8.89 -2.29 2.16
N THR B 64 -7.82 -1.84 1.52
CA THR B 64 -7.88 -0.86 0.46
C THR B 64 -7.53 -1.52 -0.87
N LEU B 65 -8.10 -1.01 -1.95
CA LEU B 65 -7.88 -1.51 -3.30
C LEU B 65 -7.36 -0.38 -4.16
N ARG B 66 -6.23 -0.60 -4.81
CA ARG B 66 -5.58 0.44 -5.61
C ARG B 66 -5.15 -0.16 -6.94
N PRO B 67 -5.01 0.69 -7.98
CA PRO B 67 -4.72 0.16 -9.32
C PRO B 67 -3.27 -0.29 -9.46
N SER B 68 -3.07 -1.19 -10.42
CA SER B 68 -1.74 -1.69 -10.75
C SER B 68 -1.68 -1.97 -12.24
N PRO B 69 -0.59 -1.62 -12.91
CA PRO B 69 -0.44 -1.99 -14.32
C PRO B 69 -0.20 -3.48 -14.54
N TYR B 70 0.05 -4.25 -13.48
CA TYR B 70 0.36 -5.67 -13.61
C TYR B 70 -0.88 -6.55 -13.76
N TYR B 71 -2.06 -6.06 -13.36
CA TYR B 71 -3.29 -6.86 -13.41
C TYR B 71 -4.45 -5.98 -13.85
N ASP B 72 -5.50 -6.64 -14.35
CA ASP B 72 -6.75 -5.93 -14.64
C ASP B 72 -7.44 -5.50 -13.35
N GLY B 73 -7.34 -6.31 -12.30
CA GLY B 73 -7.92 -5.97 -11.02
C GLY B 73 -6.96 -5.17 -10.17
N PRO B 74 -7.39 -4.81 -8.97
CA PRO B 74 -6.55 -3.98 -8.09
C PRO B 74 -5.51 -4.81 -7.34
N VAL B 75 -4.61 -4.10 -6.68
CA VAL B 75 -3.77 -4.68 -5.63
C VAL B 75 -4.44 -4.34 -4.30
N ALA B 76 -4.66 -5.36 -3.49
CA ALA B 76 -5.28 -5.19 -2.18
C ALA B 76 -4.22 -5.02 -1.12
N MET B 77 -4.49 -4.15 -0.15
CA MET B 77 -3.62 -3.92 0.99
C MET B 77 -4.43 -4.12 2.26
N LEU B 78 -4.03 -5.10 3.08
CA LEU B 78 -4.64 -5.28 4.39
C LEU B 78 -4.00 -4.25 5.33
N ASP B 79 -4.58 -3.05 5.32
N ASP B 79 -4.58 -3.04 5.30
CA ASP B 79 -3.97 -1.94 6.06
CA ASP B 79 -3.98 -1.93 6.04
C ASP B 79 -4.08 -2.12 7.56
C ASP B 79 -4.07 -2.13 7.55
N GLU B 80 -5.16 -2.76 8.04
N GLU B 80 -5.13 -2.79 8.02
CA GLU B 80 -5.34 -3.01 9.46
CA GLU B 80 -5.31 -3.03 9.45
C GLU B 80 -5.98 -4.37 9.66
C GLU B 80 -5.97 -4.38 9.66
N LEU B 81 -5.40 -5.18 10.54
CA LEU B 81 -5.99 -6.45 10.95
C LEU B 81 -5.86 -6.55 12.46
N TYR B 82 -6.98 -6.68 13.16
CA TYR B 82 -6.96 -6.63 14.61
C TYR B 82 -8.00 -7.58 15.18
N VAL B 83 -7.62 -8.26 16.27
CA VAL B 83 -8.52 -9.10 17.05
C VAL B 83 -8.31 -8.74 18.52
N ALA B 84 -9.40 -8.48 19.23
CA ALA B 84 -9.30 -8.07 20.62
C ALA B 84 -8.51 -9.10 21.42
N PRO B 85 -7.63 -8.66 22.34
CA PRO B 85 -6.72 -9.61 23.00
C PRO B 85 -7.39 -10.82 23.63
N ALA B 86 -8.55 -10.64 24.27
CA ALA B 86 -9.20 -11.75 24.95
C ALA B 86 -9.75 -12.79 23.98
N HIS B 87 -9.99 -12.41 22.72
CA HIS B 87 -10.53 -13.31 21.72
C HIS B 87 -9.47 -13.81 20.75
N ARG B 88 -8.21 -13.62 21.06
CA ARG B 88 -7.12 -14.08 20.20
C ARG B 88 -6.88 -15.58 20.41
N ASN B 89 -6.17 -16.17 19.44
CA ASN B 89 -5.85 -17.60 19.45
C ASN B 89 -7.10 -18.48 19.48
N ARG B 90 -8.18 -18.02 18.83
N ARG B 90 -8.18 -18.02 18.83
CA ARG B 90 -9.42 -18.77 18.76
CA ARG B 90 -9.41 -18.78 18.75
C ARG B 90 -9.92 -18.93 17.33
C ARG B 90 -9.94 -18.89 17.33
N GLY B 91 -9.10 -18.60 16.33
CA GLY B 91 -9.50 -18.69 14.94
C GLY B 91 -10.10 -17.44 14.36
N VAL B 92 -10.21 -16.36 15.14
CA VAL B 92 -10.82 -15.14 14.64
C VAL B 92 -9.96 -14.50 13.56
N GLY B 93 -8.66 -14.34 13.84
CA GLY B 93 -7.76 -13.78 12.84
C GLY B 93 -7.73 -14.60 11.58
N THR B 94 -7.72 -15.93 11.72
CA THR B 94 -7.77 -16.81 10.56
C THR B 94 -9.04 -16.58 9.75
N ALA B 95 -10.19 -16.52 10.43
CA ALA B 95 -11.45 -16.31 9.74
C ALA B 95 -11.49 -14.95 9.05
N LEU B 96 -10.96 -13.92 9.72
CA LEU B 96 -10.91 -12.59 9.11
C LEU B 96 -10.05 -12.61 7.85
N LEU B 97 -8.86 -13.20 7.94
CA LEU B 97 -7.97 -13.23 6.79
C LEU B 97 -8.54 -14.09 5.67
N GLN B 98 -9.16 -15.21 6.01
CA GLN B 98 -9.80 -16.04 4.99
C GLN B 98 -10.87 -15.26 4.25
N ARG B 99 -11.64 -14.43 4.98
CA ARG B 99 -12.66 -13.62 4.34
C ARG B 99 -12.06 -12.50 3.52
N VAL B 100 -10.91 -11.96 3.93
CA VAL B 100 -10.22 -10.96 3.13
C VAL B 100 -9.88 -11.53 1.75
N PHE B 101 -9.32 -12.74 1.72
CA PHE B 101 -9.00 -13.37 0.44
C PHE B 101 -10.26 -13.61 -0.38
N GLU B 102 -11.35 -14.00 0.27
N GLU B 102 -11.35 -14.01 0.27
CA GLU B 102 -12.60 -14.23 -0.45
CA GLU B 102 -12.60 -14.23 -0.46
C GLU B 102 -13.13 -12.93 -1.05
C GLU B 102 -13.12 -12.93 -1.05
N GLU B 103 -13.12 -11.85 -0.29
CA GLU B 103 -13.69 -10.59 -0.76
C GLU B 103 -12.85 -9.99 -1.89
N ILE B 104 -11.52 -9.98 -1.74
CA ILE B 104 -10.70 -9.38 -2.79
C ILE B 104 -10.72 -10.23 -4.05
N ARG B 105 -10.98 -11.54 -3.91
CA ARG B 105 -11.13 -12.39 -5.08
C ARG B 105 -12.36 -11.99 -5.89
N LYS B 106 -13.39 -11.48 -5.23
CA LYS B 106 -14.54 -10.94 -5.95
C LYS B 106 -14.16 -9.74 -6.82
N HIS B 107 -13.11 -9.02 -6.44
CA HIS B 107 -12.60 -7.90 -7.22
C HIS B 107 -11.48 -8.32 -8.18
N SER B 108 -11.17 -9.61 -8.26
CA SER B 108 -10.06 -10.10 -9.10
C SER B 108 -8.75 -9.41 -8.73
N ALA B 109 -8.54 -9.19 -7.43
CA ALA B 109 -7.31 -8.57 -6.97
C ALA B 109 -6.12 -9.45 -7.32
N GLY B 110 -5.08 -8.86 -7.89
CA GLY B 110 -3.92 -9.62 -8.30
C GLY B 110 -2.98 -10.00 -7.20
N GLU B 111 -3.12 -9.40 -6.02
CA GLU B 111 -2.13 -9.57 -4.96
C GLU B 111 -2.67 -8.95 -3.68
N LEU B 112 -2.31 -9.54 -2.55
CA LEU B 112 -2.56 -8.96 -1.23
C LEU B 112 -1.23 -8.57 -0.60
N GLN B 113 -1.21 -7.39 0.02
CA GLN B 113 -0.02 -6.86 0.68
C GLN B 113 -0.35 -6.49 2.12
N ILE B 114 0.60 -6.71 3.02
CA ILE B 114 0.47 -6.29 4.42
C ILE B 114 1.82 -5.78 4.91
N ASN B 115 1.79 -4.67 5.64
CA ASN B 115 2.96 -4.14 6.33
C ASN B 115 2.99 -4.69 7.74
N VAL B 116 4.14 -5.22 8.15
CA VAL B 116 4.30 -5.85 9.46
C VAL B 116 5.62 -5.41 10.08
N ASP B 117 5.60 -5.11 11.37
CA ASP B 117 6.83 -4.83 12.09
C ASP B 117 7.65 -6.10 12.24
N GLU B 118 8.97 -5.97 12.07
CA GLU B 118 9.84 -7.14 12.19
C GLU B 118 9.76 -7.76 13.58
N VAL B 119 9.59 -6.94 14.61
CA VAL B 119 9.56 -7.44 15.99
C VAL B 119 8.25 -8.15 16.33
N ASP B 120 7.21 -7.97 15.52
CA ASP B 120 5.93 -8.63 15.77
C ASP B 120 6.00 -10.05 15.20
N THR B 121 6.74 -10.90 15.91
CA THR B 121 6.97 -12.26 15.44
C THR B 121 5.68 -13.07 15.38
N ASP B 122 4.77 -12.85 16.34
CA ASP B 122 3.49 -13.56 16.33
C ASP B 122 2.72 -13.28 15.05
N ALA B 123 2.62 -12.00 14.68
CA ALA B 123 1.89 -11.65 13.45
C ALA B 123 2.60 -12.18 12.22
N ARG B 124 3.94 -12.10 12.19
CA ARG B 124 4.69 -12.60 11.04
C ARG B 124 4.47 -14.10 10.87
N ARG B 125 4.51 -14.85 11.95
CA ARG B 125 4.29 -16.30 11.84
C ARG B 125 2.86 -16.62 11.44
N PHE B 126 1.89 -15.82 11.90
CA PHE B 126 0.51 -16.00 11.48
C PHE B 126 0.37 -15.79 9.98
N TYR B 127 0.96 -14.70 9.46
CA TYR B 127 0.86 -14.42 8.02
C TYR B 127 1.61 -15.44 7.19
N GLU B 128 2.78 -15.88 7.65
CA GLU B 128 3.52 -16.89 6.91
C GLU B 128 2.81 -18.22 6.92
N ARG B 129 2.13 -18.54 8.02
CA ARG B 129 1.34 -19.77 8.11
C ARG B 129 0.15 -19.74 7.16
N HIS B 130 -0.30 -18.57 6.76
CA HIS B 130 -1.47 -18.42 5.88
C HIS B 130 -1.08 -17.88 4.51
N GLY B 131 0.12 -18.21 4.04
CA GLY B 131 0.45 -18.08 2.63
C GLY B 131 1.10 -16.78 2.21
N LEU B 132 1.52 -15.94 3.14
CA LEU B 132 2.16 -14.68 2.79
C LEU B 132 3.66 -14.76 3.01
N THR B 133 4.40 -14.03 2.18
CA THR B 133 5.86 -14.11 2.19
C THR B 133 6.46 -12.71 2.17
N ASN B 134 7.57 -12.57 2.89
CA ASN B 134 8.39 -11.37 2.91
C ASN B 134 9.43 -11.38 1.80
N ILE B 135 9.47 -12.43 0.99
CA ILE B 135 10.53 -12.65 0.01
C ILE B 135 9.99 -12.37 -1.39
N GLU B 136 10.71 -11.54 -2.14
CA GLU B 136 10.49 -11.42 -3.57
C GLU B 136 11.85 -11.37 -4.25
N GLN B 137 12.00 -12.20 -5.29
CA GLN B 137 13.24 -12.28 -6.06
C GLN B 137 14.46 -12.54 -5.16
N GLY B 138 14.25 -13.38 -4.14
CA GLY B 138 15.34 -13.78 -3.27
C GLY B 138 15.79 -12.74 -2.27
N SER B 139 15.00 -11.70 -2.02
CA SER B 139 15.33 -10.66 -1.07
C SER B 139 14.14 -10.39 -0.16
N ARG B 140 14.44 -10.03 1.09
CA ARG B 140 13.41 -9.49 1.96
C ARG B 140 12.87 -8.19 1.40
N MET B 141 11.59 -7.90 1.67
CA MET B 141 11.00 -6.62 1.29
C MET B 141 10.82 -5.74 2.52
N LEU B 142 11.27 -4.49 2.39
CA LEU B 142 11.22 -3.50 3.45
C LEU B 142 10.23 -2.40 3.09
N LEU B 143 9.56 -1.87 4.11
CA LEU B 143 8.65 -0.75 3.96
C LEU B 143 9.35 0.52 4.45
N TYR B 144 9.42 1.53 3.58
CA TYR B 144 9.94 2.85 3.93
C TYR B 144 8.81 3.86 3.90
N ILE B 145 8.77 4.75 4.90
CA ILE B 145 7.71 5.75 4.99
C ILE B 145 8.28 7.12 5.33
N ARG B 146 7.50 8.14 5.00
CA ARG B 146 7.67 9.48 5.55
C ARG B 146 6.30 10.02 5.91
N GLU B 147 6.07 10.25 7.20
CA GLU B 147 4.84 10.90 7.64
C GLU B 147 4.86 12.37 7.25
N LEU B 148 3.71 12.87 6.85
CA LEU B 148 3.62 14.22 6.28
C LEU B 148 2.51 15.02 6.94
N9A ACO C . 22.80 12.43 -6.83
C1B ACO C . 23.76 11.44 -6.45
C2B ACO C . 23.66 11.17 -4.80
O2B ACO C . 25.00 10.81 -4.26
C3B ACO C . 22.87 10.25 -4.64
O3B ACO C . 23.29 9.37 -3.48
P3B ACO C . 22.34 9.39 -2.11
O7A ACO C . 22.28 8.01 -1.52
O8A ACO C . 22.93 10.35 -1.10
O9A ACO C . 20.95 9.85 -2.47
C4B ACO C . 22.90 9.41 -6.01
O4B ACO C . 23.53 10.33 -7.04
C5B ACO C . 21.60 9.06 -6.39
O5B ACO C . 20.85 10.25 -6.61
P1A ACO C . 20.01 10.38 -8.06
O1A ACO C . 19.01 11.51 -8.00
O2A ACO C . 20.99 10.62 -9.19
O3A ACO C . 19.19 8.94 -8.27
P2A ACO C . 18.94 8.19 -9.73
O4A ACO C . 18.66 9.21 -10.81
O5A ACO C . 20.15 7.36 -10.09
O6A ACO C . 17.60 7.19 -9.54
CBP ACO C . 16.97 5.09 -8.58
CCP ACO C . 17.43 6.55 -8.28
CDP ACO C . 17.29 4.21 -7.36
CEP ACO C . 15.46 5.10 -8.82
CAP ACO C . 17.73 4.58 -9.84
OAP ACO C . 19.07 4.39 -9.52
C9P ACO C . 17.15 3.27 -10.39
O9P ACO C . 16.31 3.29 -11.23
N8P ACO C . 17.68 2.00 -9.87
C7P ACO C . 17.15 0.72 -10.37
C6P ACO C . 15.71 0.53 -9.84
C5P ACO C . 15.41 0.93 -8.38
O5P ACO C . 16.17 0.61 -7.51
N4P ACO C . 14.19 1.68 -8.07
C3P ACO C . 13.86 2.08 -6.69
C2P ACO C . 13.28 0.90 -5.92
S1P ACO C . 11.76 1.43 -5.08
C ACO C . 10.35 1.02 -6.15
O ACO C . 10.47 0.99 -7.34
CH3 ACO C . 9.00 0.72 -5.49
C1 GOL D . -4.02 13.72 -9.92
O1 GOL D . -4.18 12.37 -10.23
C2 GOL D . -2.61 14.16 -10.39
O2 GOL D . -2.52 14.21 -11.78
C3 GOL D . -2.38 15.54 -9.74
O3 GOL D . -1.17 15.47 -9.07
P PO4 E . -5.92 -16.86 15.09
O1 PO4 E . -4.52 -17.31 14.74
O2 PO4 E . -5.94 -15.37 15.35
O3 PO4 E . -6.39 -17.59 16.33
O4 PO4 E . -6.86 -17.19 13.95
#